data_2C1Z
#
_entry.id   2C1Z
#
_cell.length_a   49.106
_cell.length_b   93.531
_cell.length_c   106.670
_cell.angle_alpha   90.00
_cell.angle_beta   90.00
_cell.angle_gamma   90.00
#
_symmetry.space_group_name_H-M   'P 21 21 21'
#
loop_
_entity.id
_entity.type
_entity.pdbx_description
1 polymer 'UDP-GLUCOSE FLAVONOID 3-O GLYCOSYLTRANSFERASE'
2 non-polymer 3,5,7-TRIHYDROXY-2-(4-HYDROXYPHENYL)-4H-CHROMEN-4-ONE
3 non-polymer "URIDINE-5'-DIPHOSPHATE-2-DEOXY-2-FLUORO-ALPHA-D-GLUCOSE"
4 water water
#
_entity_poly.entity_id   1
_entity_poly.type   'polypeptide(L)'
_entity_poly.pdbx_seq_one_letter_code
;MSQTTTNPHVAVLAFPFSTHAAPLLAVVRRLAAAAPHAVFSFFSTSQSNASIFHDSMHTMQCNIKSYDISDGVPEGYVFA
GRPQEDIELFTRAAPESFRQGMVMAVAETGRPVSCLVADAFIWFAADMAAEMGVAWLPFWTAGPNSLSTHVYIDEIREKI
GVSGIQGREDELLNFIPGMSKVRFRDLQEGIVFGNLNSLFSRMLHRMGQVLPKATAVFINSFEELDDSLTNDLKSKLKTY
LNIGPFNLITPPPVVPNTTGCLQWLKERKPTSVVYISFGTVTTPPPAEVVALSEALEASRVPFIWSLRDKARVHLPEGFL
EKTRGYGMVVPWAPQAEVLAHEAVGAFVTHCGWNSLWESVAGGVPLICRPFFGDQRLNGRMVEDVLEIGVRIEGGVFTKS
GLMSCFDQILSQEKGKKLRENLRALRETADRAVGPKGSSTENFITLVDLVSKPKDV
;
_entity_poly.pdbx_strand_id   A
#
# COMPACT_ATOMS: atom_id res chain seq x y z
N THR A 6 -16.88 -22.76 21.08
CA THR A 6 -15.66 -22.18 21.71
C THR A 6 -15.65 -20.66 21.53
N ASN A 7 -14.75 -19.98 22.24
CA ASN A 7 -14.51 -18.57 22.01
C ASN A 7 -13.84 -18.40 20.63
N PRO A 8 -13.71 -17.17 20.13
CA PRO A 8 -13.29 -16.99 18.74
C PRO A 8 -11.89 -17.50 18.40
N HIS A 9 -11.74 -17.94 17.14
CA HIS A 9 -10.44 -18.28 16.58
C HIS A 9 -10.41 -17.63 15.19
N VAL A 10 -9.63 -16.56 15.08
CA VAL A 10 -9.66 -15.76 13.85
C VAL A 10 -8.48 -16.20 12.99
N ALA A 11 -8.77 -16.74 11.80
CA ALA A 11 -7.72 -17.10 10.84
C ALA A 11 -7.41 -15.89 9.96
N VAL A 12 -6.11 -15.60 9.80
CA VAL A 12 -5.69 -14.41 9.07
C VAL A 12 -4.82 -14.81 7.86
N LEU A 13 -5.30 -14.52 6.66
CA LEU A 13 -4.63 -14.98 5.45
C LEU A 13 -3.91 -13.81 4.75
N ALA A 14 -2.58 -13.79 4.88
CA ALA A 14 -1.76 -12.69 4.30
C ALA A 14 -1.44 -12.90 2.83
N PHE A 15 -1.23 -11.81 2.09
CA PHE A 15 -0.61 -11.87 0.75
C PHE A 15 0.87 -11.60 0.99
N PRO A 16 1.74 -12.59 0.72
CA PRO A 16 3.13 -12.53 1.15
C PRO A 16 4.09 -11.77 0.23
N PHE A 17 3.57 -10.83 -0.56
CA PHE A 17 4.41 -10.08 -1.49
C PHE A 17 4.24 -8.57 -1.26
N SER A 18 5.31 -7.80 -1.52
CA SER A 18 5.40 -6.34 -1.24
C SER A 18 4.89 -5.95 0.15
N THR A 19 4.21 -4.82 0.28
CA THR A 19 3.81 -4.35 1.62
C THR A 19 2.33 -4.63 1.83
N HIS A 20 2.05 -5.89 2.13
CA HIS A 20 0.69 -6.37 2.37
C HIS A 20 0.61 -7.06 3.72
N ALA A 21 1.57 -7.96 4.01
CA ALA A 21 1.50 -8.74 5.26
C ALA A 21 1.72 -7.86 6.50
N ALA A 22 2.64 -6.90 6.39
CA ALA A 22 2.98 -6.04 7.53
C ALA A 22 1.79 -5.16 8.03
N PRO A 23 1.11 -4.41 7.14
CA PRO A 23 -0.07 -3.65 7.60
C PRO A 23 -1.16 -4.57 8.15
N LEU A 24 -1.32 -5.76 7.57
CA LEU A 24 -2.32 -6.71 8.07
C LEU A 24 -1.94 -7.19 9.48
N LEU A 25 -0.68 -7.54 9.71
CA LEU A 25 -0.22 -7.85 11.06
C LEU A 25 -0.46 -6.69 12.02
N ALA A 26 -0.22 -5.47 11.56
CA ALA A 26 -0.46 -4.29 12.40
C ALA A 26 -1.92 -4.19 12.90
N VAL A 27 -2.90 -4.50 12.03
CA VAL A 27 -4.31 -4.46 12.43
C VAL A 27 -4.59 -5.61 13.38
N VAL A 28 -4.01 -6.77 13.06
CA VAL A 28 -4.23 -7.97 13.87
C VAL A 28 -3.75 -7.70 15.30
N ARG A 29 -2.62 -7.02 15.44
CA ARG A 29 -2.09 -6.63 16.74
C ARG A 29 -3.09 -5.78 17.53
N ARG A 30 -3.70 -4.78 16.87
CA ARG A 30 -4.74 -3.95 17.50
C ARG A 30 -5.98 -4.76 17.86
N LEU A 31 -6.38 -5.67 16.97
CA LEU A 31 -7.51 -6.56 17.21
C LEU A 31 -7.28 -7.53 18.40
N ALA A 32 -6.07 -8.10 18.47
CA ALA A 32 -5.72 -9.02 19.57
C ALA A 32 -5.74 -8.33 20.94
N ALA A 33 -5.33 -7.07 20.98
CA ALA A 33 -5.42 -6.28 22.23
C ALA A 33 -6.86 -5.92 22.56
N ALA A 34 -7.66 -5.64 21.54
CA ALA A 34 -9.06 -5.30 21.78
C ALA A 34 -9.94 -6.51 22.10
N ALA A 35 -9.52 -7.68 21.66
CA ALA A 35 -10.32 -8.91 21.83
C ALA A 35 -9.43 -9.97 22.46
N PRO A 36 -9.05 -9.78 23.74
CA PRO A 36 -8.02 -10.63 24.35
C PRO A 36 -8.46 -12.07 24.56
N HIS A 37 -9.77 -12.30 24.51
CA HIS A 37 -10.38 -13.61 24.65
C HIS A 37 -10.35 -14.43 23.35
N ALA A 38 -10.02 -13.76 22.23
CA ALA A 38 -9.95 -14.40 20.92
C ALA A 38 -8.50 -14.84 20.64
N VAL A 39 -8.36 -15.95 19.93
CA VAL A 39 -7.04 -16.39 19.47
C VAL A 39 -6.93 -16.11 17.98
N PHE A 40 -5.72 -15.74 17.55
CA PHE A 40 -5.47 -15.31 16.17
C PHE A 40 -4.37 -16.19 15.59
N SER A 41 -4.60 -16.72 14.39
CA SER A 41 -3.59 -17.52 13.70
C SER A 41 -3.27 -16.82 12.39
N PHE A 42 -1.99 -16.45 12.24
CA PHE A 42 -1.53 -15.59 11.12
C PHE A 42 -0.78 -16.43 10.08
N PHE A 43 -1.35 -16.54 8.88
CA PHE A 43 -0.79 -17.40 7.83
C PHE A 43 -0.09 -16.61 6.72
N SER A 44 1.19 -16.90 6.53
CA SER A 44 1.94 -16.37 5.38
C SER A 44 3.07 -17.37 5.08
N THR A 45 3.91 -17.08 4.08
CA THR A 45 5.08 -17.91 3.79
C THR A 45 6.13 -17.73 4.88
N SER A 46 7.08 -18.67 4.95
CA SER A 46 8.11 -18.60 5.96
C SER A 46 8.96 -17.32 5.79
N GLN A 47 9.28 -16.94 4.54
CA GLN A 47 10.04 -15.69 4.30
C GLN A 47 9.31 -14.44 4.76
N SER A 48 8.01 -14.38 4.48
CA SER A 48 7.19 -13.24 4.86
C SER A 48 7.07 -13.10 6.40
N ASN A 49 6.74 -14.20 7.06
CA ASN A 49 6.65 -14.21 8.52
C ASN A 49 7.99 -13.86 9.18
N ALA A 50 9.08 -14.43 8.68
CA ALA A 50 10.41 -14.13 9.23
C ALA A 50 10.68 -12.64 9.16
N SER A 51 10.32 -12.01 8.04
CA SER A 51 10.51 -10.57 7.88
C SER A 51 9.62 -9.77 8.85
N ILE A 52 8.32 -10.03 8.84
CA ILE A 52 7.39 -9.16 9.59
C ILE A 52 7.36 -9.42 11.10
N PHE A 53 7.76 -10.61 11.52
CA PHE A 53 7.76 -10.98 12.94
C PHE A 53 9.15 -10.81 13.56
N HIS A 54 10.08 -10.23 12.80
CA HIS A 54 11.42 -9.91 13.29
C HIS A 54 11.32 -9.30 14.69
N ASP A 55 11.95 -9.96 15.67
CA ASP A 55 11.76 -9.67 17.12
C ASP A 55 10.34 -10.02 17.60
N HIS A 58 9.06 -10.48 22.06
CA HIS A 58 8.93 -9.97 23.43
C HIS A 58 7.83 -8.90 23.57
N THR A 59 7.33 -8.39 22.43
CA THR A 59 6.24 -7.40 22.42
C THR A 59 4.92 -7.97 21.85
N MET A 60 5.03 -9.07 21.13
CA MET A 60 3.89 -9.67 20.43
C MET A 60 2.81 -10.15 21.39
N GLN A 61 1.56 -9.78 21.10
CA GLN A 61 0.42 -10.21 21.90
C GLN A 61 0.42 -11.74 21.99
N CYS A 62 0.19 -12.26 23.19
CA CYS A 62 0.31 -13.69 23.43
CA CYS A 62 0.28 -13.69 23.48
C CYS A 62 -0.75 -14.50 22.69
N ASN A 63 -1.88 -13.87 22.36
CA ASN A 63 -2.96 -14.53 21.64
C ASN A 63 -2.79 -14.62 20.10
N ILE A 64 -1.63 -14.17 19.61
CA ILE A 64 -1.27 -14.34 18.19
C ILE A 64 -0.16 -15.39 18.00
N LYS A 65 -0.35 -16.32 17.07
CA LYS A 65 0.72 -17.20 16.62
C LYS A 65 0.77 -17.25 15.09
N SER A 66 1.98 -17.20 14.53
CA SER A 66 2.13 -17.26 13.07
C SER A 66 2.31 -18.72 12.63
N TYR A 67 1.85 -18.99 11.41
CA TYR A 67 2.03 -20.30 10.77
C TYR A 67 2.57 -20.13 9.36
N ASP A 68 3.61 -20.90 9.06
CA ASP A 68 4.26 -20.83 7.73
C ASP A 68 3.53 -21.73 6.75
N ILE A 69 3.04 -21.14 5.66
CA ILE A 69 2.38 -21.91 4.61
C ILE A 69 3.22 -21.96 3.31
N SER A 70 2.84 -22.84 2.38
CA SER A 70 3.68 -23.10 1.21
C SER A 70 3.74 -21.87 0.31
N ASP A 71 4.93 -21.62 -0.26
CA ASP A 71 5.08 -20.58 -1.29
C ASP A 71 4.64 -21.06 -2.67
N GLY A 72 4.17 -22.30 -2.75
CA GLY A 72 3.68 -22.88 -4.02
C GLY A 72 4.73 -23.33 -5.03
N VAL A 73 6.00 -23.23 -4.65
CA VAL A 73 7.05 -23.54 -5.60
C VAL A 73 7.36 -25.02 -5.48
N PRO A 74 7.16 -25.79 -6.57
CA PRO A 74 7.44 -27.25 -6.54
C PRO A 74 8.93 -27.50 -6.29
N GLU A 75 9.26 -28.62 -5.68
CA GLU A 75 10.64 -28.87 -5.17
C GLU A 75 11.77 -28.66 -6.22
N GLY A 76 11.63 -29.24 -7.41
CA GLY A 76 12.68 -29.07 -8.43
C GLY A 76 12.41 -27.99 -9.49
N TYR A 77 11.65 -26.97 -9.13
CA TYR A 77 11.18 -25.97 -10.11
C TYR A 77 12.30 -25.08 -10.62
N VAL A 78 12.32 -24.87 -11.93
CA VAL A 78 13.21 -23.89 -12.56
C VAL A 78 12.39 -22.73 -13.08
N PHE A 79 12.67 -21.54 -12.55
CA PHE A 79 11.94 -20.34 -12.94
C PHE A 79 12.15 -19.99 -14.41
N ALA A 80 11.04 -19.65 -15.07
CA ALA A 80 11.08 -19.14 -16.44
C ALA A 80 11.60 -17.71 -16.46
N GLY A 81 11.37 -16.98 -15.36
CA GLY A 81 11.82 -15.60 -15.25
C GLY A 81 10.80 -14.61 -15.76
N ARG A 82 9.53 -14.99 -15.69
CA ARG A 82 8.41 -14.11 -16.01
C ARG A 82 8.25 -13.12 -14.89
N PRO A 83 7.67 -11.94 -15.19
CA PRO A 83 7.19 -11.10 -14.09
C PRO A 83 5.90 -11.68 -13.47
N GLN A 84 5.80 -11.60 -12.15
CA GLN A 84 4.66 -12.13 -11.39
C GLN A 84 4.66 -13.68 -11.31
N GLU A 85 5.77 -14.31 -11.72
CA GLU A 85 5.89 -15.79 -11.62
C GLU A 85 5.76 -16.31 -10.19
N ASP A 86 6.41 -15.64 -9.23
CA ASP A 86 6.29 -16.02 -7.80
C ASP A 86 4.86 -15.86 -7.31
N ILE A 87 4.22 -14.77 -7.72
CA ILE A 87 2.82 -14.52 -7.39
C ILE A 87 1.91 -15.60 -7.95
N GLU A 88 2.14 -15.97 -9.21
CA GLU A 88 1.36 -17.03 -9.88
C GLU A 88 1.50 -18.37 -9.16
N LEU A 89 2.73 -18.72 -8.80
CA LEU A 89 2.95 -20.01 -8.13
C LEU A 89 2.26 -20.04 -6.77
N PHE A 90 2.50 -18.99 -5.98
CA PHE A 90 1.83 -18.86 -4.69
C PHE A 90 0.29 -18.92 -4.82
N THR A 91 -0.25 -18.13 -5.75
CA THR A 91 -1.71 -18.02 -5.92
C THR A 91 -2.37 -19.32 -6.35
N ARG A 92 -1.75 -20.05 -7.26
CA ARG A 92 -2.31 -21.34 -7.69
C ARG A 92 -2.39 -22.39 -6.58
N ALA A 93 -1.40 -22.39 -5.69
CA ALA A 93 -1.36 -23.31 -4.55
C ALA A 93 -2.13 -22.80 -3.32
N ALA A 94 -2.39 -21.49 -3.26
CA ALA A 94 -2.86 -20.86 -2.01
C ALA A 94 -4.13 -21.44 -1.37
N PRO A 95 -5.17 -21.80 -2.16
CA PRO A 95 -6.35 -22.40 -1.53
C PRO A 95 -6.01 -23.63 -0.68
N GLU A 96 -5.18 -24.51 -1.22
CA GLU A 96 -4.71 -25.66 -0.47
C GLU A 96 -3.73 -25.29 0.65
N SER A 97 -2.77 -24.41 0.36
CA SER A 97 -1.78 -23.97 1.36
C SER A 97 -2.44 -23.40 2.63
N PHE A 98 -3.41 -22.50 2.44
CA PHE A 98 -4.09 -21.87 3.58
C PHE A 98 -4.97 -22.91 4.32
N ARG A 99 -5.61 -23.80 3.56
CA ARG A 99 -6.46 -24.83 4.16
C ARG A 99 -5.63 -25.70 5.10
N GLN A 100 -4.47 -26.15 4.64
CA GLN A 100 -3.54 -26.96 5.43
C GLN A 100 -2.97 -26.22 6.67
N GLY A 101 -2.63 -24.95 6.50
CA GLY A 101 -2.31 -24.09 7.66
C GLY A 101 -3.43 -24.05 8.69
N MET A 102 -4.66 -23.81 8.25
CA MET A 102 -5.78 -23.67 9.18
C MET A 102 -6.06 -25.01 9.89
N VAL A 103 -5.88 -26.11 9.18
CA VAL A 103 -5.99 -27.43 9.80
C VAL A 103 -5.03 -27.55 10.98
N MET A 104 -3.77 -27.13 10.77
CA MET A 104 -2.76 -27.17 11.84
C MET A 104 -3.18 -26.27 13.02
N ALA A 105 -3.64 -25.05 12.74
CA ALA A 105 -4.00 -24.11 13.79
C ALA A 105 -5.21 -24.57 14.60
N VAL A 106 -6.21 -25.14 13.93
CA VAL A 106 -7.40 -25.69 14.62
C VAL A 106 -6.97 -26.83 15.58
N ALA A 107 -6.08 -27.71 15.11
CA ALA A 107 -5.59 -28.81 15.97
C ALA A 107 -4.76 -28.33 17.15
N GLU A 108 -3.91 -27.33 16.94
CA GLU A 108 -3.11 -26.75 18.02
C GLU A 108 -3.97 -26.06 19.07
N THR A 109 -4.94 -25.26 18.64
CA THR A 109 -5.76 -24.47 19.56
C THR A 109 -6.91 -25.28 20.13
N GLY A 110 -7.39 -26.28 19.40
CA GLY A 110 -8.62 -26.99 19.75
C GLY A 110 -9.88 -26.15 19.54
N ARG A 111 -9.78 -25.10 18.70
CA ARG A 111 -10.92 -24.22 18.43
C ARG A 111 -11.14 -24.18 16.93
N PRO A 112 -12.38 -24.47 16.47
CA PRO A 112 -12.63 -24.26 15.04
C PRO A 112 -12.46 -22.77 14.69
N VAL A 113 -12.10 -22.50 13.43
CA VAL A 113 -12.04 -21.12 12.91
C VAL A 113 -13.43 -20.49 12.96
N SER A 114 -13.52 -19.31 13.55
CA SER A 114 -14.82 -18.65 13.72
C SER A 114 -14.98 -17.43 12.80
N CYS A 115 -13.90 -17.05 12.14
CA CYS A 115 -13.86 -15.80 11.39
C CYS A 115 -12.68 -15.85 10.44
N LEU A 116 -12.86 -15.33 9.22
CA LEU A 116 -11.81 -15.37 8.25
CA LEU A 116 -11.81 -15.37 8.24
C LEU A 116 -11.44 -13.96 7.80
N VAL A 117 -10.30 -13.47 8.28
CA VAL A 117 -9.76 -12.16 7.85
C VAL A 117 -8.72 -12.47 6.79
N ALA A 118 -8.71 -11.73 5.67
CA ALA A 118 -7.75 -12.02 4.62
C ALA A 118 -7.43 -10.77 3.82
N ASP A 119 -6.22 -10.67 3.27
CA ASP A 119 -5.97 -9.61 2.25
C ASP A 119 -7.04 -9.77 1.13
N ALA A 120 -7.61 -8.64 0.69
CA ALA A 120 -8.59 -8.62 -0.43
C ALA A 120 -8.09 -9.38 -1.65
N PHE A 121 -6.77 -9.48 -1.80
CA PHE A 121 -6.20 -10.11 -2.98
C PHE A 121 -6.56 -11.59 -3.01
N ILE A 122 -6.65 -12.22 -1.83
CA ILE A 122 -7.02 -13.64 -1.68
C ILE A 122 -8.54 -13.77 -1.93
N TRP A 123 -9.00 -13.48 -3.16
CA TRP A 123 -10.44 -13.42 -3.46
C TRP A 123 -11.21 -14.69 -3.06
N PHE A 124 -10.57 -15.87 -3.25
CA PHE A 124 -11.19 -17.17 -2.91
C PHE A 124 -11.42 -17.38 -1.41
N ALA A 125 -10.85 -16.49 -0.60
CA ALA A 125 -11.21 -16.47 0.80
C ALA A 125 -12.73 -16.38 0.98
N ALA A 126 -13.43 -15.68 0.08
CA ALA A 126 -14.89 -15.58 0.17
C ALA A 126 -15.56 -16.97 0.11
N ASP A 127 -15.05 -17.81 -0.79
CA ASP A 127 -15.55 -19.18 -0.96
C ASP A 127 -15.16 -20.09 0.22
N MET A 128 -13.92 -19.98 0.70
CA MET A 128 -13.47 -20.71 1.90
C MET A 128 -14.33 -20.38 3.14
N ALA A 129 -14.59 -19.09 3.35
CA ALA A 129 -15.47 -18.65 4.44
C ALA A 129 -16.90 -19.20 4.33
N ALA A 130 -17.47 -19.16 3.13
CA ALA A 130 -18.81 -19.73 2.90
C ALA A 130 -18.84 -21.22 3.19
N GLU A 131 -17.79 -21.93 2.78
CA GLU A 131 -17.65 -23.38 3.04
C GLU A 131 -17.54 -23.68 4.55
N MET A 132 -16.85 -22.82 5.28
CA MET A 132 -16.65 -23.01 6.70
C MET A 132 -17.81 -22.46 7.54
N GLY A 133 -18.68 -21.67 6.93
CA GLY A 133 -19.80 -21.05 7.62
C GLY A 133 -19.39 -19.93 8.58
N VAL A 134 -18.40 -19.14 8.16
CA VAL A 134 -17.87 -18.05 8.99
C VAL A 134 -17.88 -16.71 8.22
N ALA A 135 -17.80 -15.59 8.94
CA ALA A 135 -17.75 -14.27 8.33
C ALA A 135 -16.47 -14.10 7.51
N TRP A 136 -16.55 -13.37 6.41
CA TRP A 136 -15.36 -13.09 5.60
C TRP A 136 -15.08 -11.60 5.72
N LEU A 137 -13.91 -11.24 6.25
CA LEU A 137 -13.53 -9.84 6.48
C LEU A 137 -12.25 -9.46 5.69
N PRO A 138 -12.42 -9.06 4.43
CA PRO A 138 -11.24 -8.68 3.65
C PRO A 138 -10.65 -7.32 4.02
N PHE A 139 -9.32 -7.25 3.98
CA PHE A 139 -8.55 -6.02 4.19
C PHE A 139 -8.06 -5.52 2.82
N TRP A 140 -8.53 -4.35 2.42
CA TRP A 140 -7.97 -3.66 1.25
C TRP A 140 -6.78 -2.86 1.76
N THR A 141 -5.58 -3.22 1.30
CA THR A 141 -4.36 -2.63 1.85
C THR A 141 -3.93 -1.32 1.19
N ALA A 142 -4.68 -0.90 0.17
CA ALA A 142 -4.35 0.34 -0.53
C ALA A 142 -5.45 1.42 -0.34
N GLY A 143 -5.62 2.32 -1.30
CA GLY A 143 -6.56 3.42 -1.11
C GLY A 143 -7.99 3.15 -1.58
N PRO A 144 -8.93 4.01 -1.17
CA PRO A 144 -10.34 3.85 -1.59
C PRO A 144 -10.54 4.11 -3.09
N ASN A 145 -9.65 4.91 -3.69
CA ASN A 145 -9.69 5.14 -5.14
C ASN A 145 -9.55 3.83 -5.92
N SER A 146 -8.52 3.05 -5.61
CA SER A 146 -8.31 1.80 -6.30
C SER A 146 -9.39 0.76 -5.92
N LEU A 147 -9.85 0.78 -4.66
CA LEU A 147 -10.95 -0.10 -4.26
C LEU A 147 -12.18 0.16 -5.15
N SER A 148 -12.53 1.44 -5.32
CA SER A 148 -13.68 1.80 -6.12
C SER A 148 -13.56 1.29 -7.55
N THR A 149 -12.43 1.55 -8.21
CA THR A 149 -12.29 1.12 -9.61
C THR A 149 -12.35 -0.42 -9.74
N HIS A 150 -11.82 -1.13 -8.75
CA HIS A 150 -11.93 -2.59 -8.75
C HIS A 150 -13.36 -3.08 -8.62
N VAL A 151 -14.11 -2.47 -7.69
CA VAL A 151 -15.52 -2.80 -7.44
C VAL A 151 -16.37 -2.43 -8.69
N TYR A 152 -15.91 -1.45 -9.47
CA TYR A 152 -16.62 -1.01 -10.68
C TYR A 152 -16.05 -1.56 -12.00
N ILE A 153 -15.27 -2.64 -11.93
CA ILE A 153 -14.56 -3.13 -13.11
C ILE A 153 -15.50 -3.41 -14.31
N ASP A 154 -16.62 -4.10 -14.06
CA ASP A 154 -17.56 -4.49 -15.12
C ASP A 154 -18.15 -3.26 -15.81
N GLU A 155 -18.64 -2.31 -15.01
CA GLU A 155 -19.19 -1.06 -15.51
C GLU A 155 -18.17 -0.19 -16.27
N ILE A 156 -16.94 -0.12 -15.77
CA ILE A 156 -15.89 0.63 -16.46
C ILE A 156 -15.58 -0.01 -17.82
N ARG A 157 -15.43 -1.34 -17.83
CA ARG A 157 -15.20 -2.12 -19.06
C ARG A 157 -16.34 -1.92 -20.06
N GLU A 158 -17.57 -1.93 -19.58
CA GLU A 158 -18.76 -1.70 -20.40
C GLU A 158 -18.79 -0.29 -20.99
N LYS A 159 -18.49 0.72 -20.18
CA LYS A 159 -18.46 2.10 -20.64
C LYS A 159 -17.32 2.42 -21.60
N ILE A 160 -16.13 1.92 -21.32
CA ILE A 160 -14.92 2.26 -22.10
C ILE A 160 -14.63 1.27 -23.21
N GLY A 161 -14.95 0.00 -22.99
CA GLY A 161 -14.52 -1.07 -23.88
C GLY A 161 -13.19 -1.68 -23.46
N VAL A 162 -12.85 -2.83 -24.05
CA VAL A 162 -11.60 -3.53 -23.71
C VAL A 162 -10.69 -3.73 -24.91
N SER A 163 -10.80 -2.87 -25.91
CA SER A 163 -9.95 -2.99 -27.11
C SER A 163 -8.94 -1.85 -27.20
N GLY A 164 -8.63 -1.24 -26.05
CA GLY A 164 -7.66 -0.16 -25.98
C GLY A 164 -8.28 1.20 -25.73
N ILE A 165 -7.45 2.11 -25.23
CA ILE A 165 -7.86 3.50 -24.95
C ILE A 165 -7.03 4.52 -25.77
N GLN A 166 -6.41 4.04 -26.85
CA GLN A 166 -5.67 4.91 -27.77
C GLN A 166 -6.52 6.11 -28.17
N GLY A 167 -5.94 7.30 -28.05
CA GLY A 167 -6.63 8.55 -28.38
C GLY A 167 -7.59 9.05 -27.31
N ARG A 168 -7.76 8.26 -26.25
CA ARG A 168 -8.69 8.58 -25.16
C ARG A 168 -8.03 8.59 -23.76
N GLU A 169 -6.70 8.57 -23.73
CA GLU A 169 -5.93 8.51 -22.47
C GLU A 169 -6.30 9.58 -21.44
N ASP A 170 -6.64 10.78 -21.91
CA ASP A 170 -6.88 11.89 -21.02
C ASP A 170 -8.37 12.20 -20.78
N GLU A 171 -9.24 11.36 -21.33
CA GLU A 171 -10.68 11.39 -21.03
C GLU A 171 -10.90 11.10 -19.55
N LEU A 172 -11.99 11.63 -19.01
CA LEU A 172 -12.23 11.57 -17.57
C LEU A 172 -13.18 10.45 -17.19
N LEU A 173 -12.93 9.86 -16.02
CA LEU A 173 -13.71 8.77 -15.48
C LEU A 173 -14.83 9.36 -14.63
N ASN A 174 -15.38 10.49 -15.10
CA ASN A 174 -16.31 11.31 -14.31
C ASN A 174 -17.69 10.68 -14.10
N PHE A 175 -17.92 9.56 -14.78
CA PHE A 175 -19.16 8.80 -14.63
C PHE A 175 -19.14 7.86 -13.41
N ILE A 176 -18.02 7.85 -12.69
CA ILE A 176 -17.90 7.09 -11.43
C ILE A 176 -17.79 8.06 -10.24
N PRO A 177 -18.67 7.91 -9.23
CA PRO A 177 -18.62 8.83 -8.09
C PRO A 177 -17.24 8.89 -7.40
N GLY A 178 -16.77 10.11 -7.17
CA GLY A 178 -15.53 10.35 -6.46
C GLY A 178 -14.32 10.32 -7.38
N MET A 179 -14.56 10.10 -8.67
CA MET A 179 -13.48 9.91 -9.63
C MET A 179 -13.43 10.98 -10.70
N SER A 180 -13.98 12.15 -10.41
CA SER A 180 -14.14 13.19 -11.43
C SER A 180 -12.81 13.64 -12.02
N LYS A 181 -11.73 13.54 -11.25
CA LYS A 181 -10.39 13.98 -11.73
C LYS A 181 -9.51 12.84 -12.27
N VAL A 182 -9.99 11.61 -12.22
CA VAL A 182 -9.21 10.51 -12.78
C VAL A 182 -9.42 10.28 -14.26
N ARG A 183 -8.30 10.25 -14.97
CA ARG A 183 -8.25 10.02 -16.39
C ARG A 183 -8.15 8.52 -16.67
N PHE A 184 -8.54 8.14 -17.88
CA PHE A 184 -8.50 6.75 -18.34
C PHE A 184 -7.10 6.14 -18.09
N ARG A 185 -6.07 6.88 -18.46
CA ARG A 185 -4.67 6.45 -18.29
C ARG A 185 -4.26 6.19 -16.82
N ASP A 186 -5.02 6.73 -15.86
CA ASP A 186 -4.69 6.60 -14.42
C ASP A 186 -5.07 5.25 -13.88
N LEU A 187 -5.96 4.55 -14.58
CA LEU A 187 -6.44 3.23 -14.17
C LEU A 187 -5.32 2.18 -14.01
N GLN A 188 -5.56 1.24 -13.11
CA GLN A 188 -4.63 0.14 -12.85
C GLN A 188 -4.64 -0.75 -14.07
N GLU A 189 -3.50 -1.39 -14.33
CA GLU A 189 -3.44 -2.46 -15.32
C GLU A 189 -4.43 -3.56 -14.96
N GLY A 190 -5.03 -4.15 -15.99
CA GLY A 190 -6.01 -5.21 -15.81
C GLY A 190 -7.46 -4.75 -15.78
N ILE A 191 -7.68 -3.43 -15.81
CA ILE A 191 -9.04 -2.90 -15.90
C ILE A 191 -9.47 -2.81 -17.38
N VAL A 192 -8.90 -1.86 -18.13
CA VAL A 192 -9.18 -1.73 -19.56
C VAL A 192 -7.93 -1.75 -20.45
N PHE A 193 -6.75 -1.79 -19.83
CA PHE A 193 -5.50 -2.01 -20.55
C PHE A 193 -4.54 -2.89 -19.78
N GLY A 194 -3.45 -3.30 -20.44
CA GLY A 194 -2.52 -4.31 -19.90
C GLY A 194 -2.98 -5.68 -20.34
N ASN A 195 -2.37 -6.74 -19.80
CA ASN A 195 -2.76 -8.10 -20.17
C ASN A 195 -3.98 -8.54 -19.39
N LEU A 196 -5.15 -8.40 -20.02
CA LEU A 196 -6.42 -8.65 -19.38
C LEU A 196 -6.66 -10.13 -19.10
N ASN A 197 -5.88 -10.99 -19.73
CA ASN A 197 -6.03 -12.42 -19.55
C ASN A 197 -5.04 -13.05 -18.57
N SER A 198 -4.17 -12.23 -17.98
CA SER A 198 -3.19 -12.76 -17.03
C SER A 198 -3.91 -13.32 -15.80
N LEU A 199 -3.23 -14.19 -15.07
CA LEU A 199 -3.75 -14.72 -13.83
C LEU A 199 -4.03 -13.58 -12.84
N PHE A 200 -3.11 -12.64 -12.71
CA PHE A 200 -3.25 -11.50 -11.76
C PHE A 200 -4.45 -10.61 -12.13
N SER A 201 -4.66 -10.38 -13.44
CA SER A 201 -5.79 -9.60 -13.92
CA SER A 201 -5.79 -9.60 -13.94
C SER A 201 -7.12 -10.30 -13.63
N ARG A 202 -7.16 -11.61 -13.87
CA ARG A 202 -8.38 -12.38 -13.59
C ARG A 202 -8.70 -12.47 -12.09
N MET A 203 -7.66 -12.60 -11.26
CA MET A 203 -7.75 -12.60 -9.79
C MET A 203 -8.47 -11.33 -9.32
N LEU A 204 -7.98 -10.19 -9.79
CA LEU A 204 -8.49 -8.88 -9.35
C LEU A 204 -9.87 -8.58 -9.91
N HIS A 205 -10.15 -9.12 -11.09
CA HIS A 205 -11.49 -9.04 -11.66
C HIS A 205 -12.50 -9.77 -10.76
N ARG A 206 -12.21 -11.01 -10.39
CA ARG A 206 -13.11 -11.74 -9.51
C ARG A 206 -13.24 -11.12 -8.12
N MET A 207 -12.11 -10.66 -7.59
CA MET A 207 -12.11 -9.97 -6.32
C MET A 207 -13.16 -8.85 -6.36
N GLY A 208 -13.04 -8.00 -7.38
CA GLY A 208 -13.96 -6.88 -7.56
C GLY A 208 -15.42 -7.31 -7.52
N GLN A 209 -15.71 -8.50 -8.05
CA GLN A 209 -17.08 -9.01 -8.11
C GLN A 209 -17.57 -9.54 -6.78
N VAL A 210 -16.68 -10.12 -6.00
CA VAL A 210 -17.10 -10.81 -4.79
C VAL A 210 -17.04 -9.89 -3.56
N LEU A 211 -16.27 -8.81 -3.61
CA LEU A 211 -16.17 -7.88 -2.47
C LEU A 211 -17.49 -7.37 -1.92
N PRO A 212 -18.50 -7.06 -2.79
CA PRO A 212 -19.83 -6.71 -2.29
C PRO A 212 -20.51 -7.79 -1.46
N LYS A 213 -20.03 -9.03 -1.50
CA LYS A 213 -20.55 -10.13 -0.66
C LYS A 213 -19.91 -10.30 0.72
N ALA A 214 -18.80 -9.60 0.97
CA ALA A 214 -18.13 -9.65 2.29
C ALA A 214 -19.02 -9.21 3.45
N THR A 215 -18.83 -9.83 4.61
CA THR A 215 -19.43 -9.35 5.86
C THR A 215 -19.10 -7.86 6.08
N ALA A 216 -17.81 -7.53 5.96
CA ALA A 216 -17.35 -6.13 5.91
C ALA A 216 -16.02 -6.04 5.23
N VAL A 217 -15.83 -4.97 4.47
CA VAL A 217 -14.52 -4.65 3.89
C VAL A 217 -13.87 -3.55 4.75
N PHE A 218 -12.63 -3.76 5.20
CA PHE A 218 -11.96 -2.70 5.97
C PHE A 218 -10.71 -2.17 5.28
N ILE A 219 -10.32 -0.94 5.62
CA ILE A 219 -9.31 -0.22 4.83
C ILE A 219 -8.48 0.73 5.74
N ASN A 220 -7.20 0.87 5.43
CA ASN A 220 -6.32 1.77 6.17
C ASN A 220 -6.49 3.17 5.55
N SER A 221 -7.63 3.78 5.81
CA SER A 221 -7.89 5.18 5.40
C SER A 221 -8.89 5.78 6.38
N PHE A 222 -9.26 7.05 6.17
CA PHE A 222 -10.32 7.70 6.96
C PHE A 222 -11.46 8.22 6.06
N GLU A 223 -12.69 8.09 6.55
CA GLU A 223 -13.90 8.41 5.77
C GLU A 223 -13.86 9.81 5.16
N GLU A 224 -13.37 10.77 5.94
CA GLU A 224 -13.37 12.18 5.57
C GLU A 224 -12.35 12.56 4.49
N LEU A 225 -11.52 11.60 4.05
CA LEU A 225 -10.62 11.82 2.93
C LEU A 225 -11.43 12.23 1.70
N ASP A 226 -12.59 11.61 1.53
CA ASP A 226 -13.54 11.98 0.48
C ASP A 226 -14.91 11.42 0.87
N ASP A 227 -15.78 12.29 1.37
CA ASP A 227 -17.14 11.92 1.80
C ASP A 227 -17.98 11.19 0.75
N SER A 228 -17.91 11.70 -0.50
CA SER A 228 -18.72 11.15 -1.60
C SER A 228 -18.26 9.74 -1.96
N LEU A 229 -16.95 9.56 -2.06
CA LEU A 229 -16.34 8.24 -2.27
C LEU A 229 -16.76 7.29 -1.16
N THR A 230 -16.66 7.75 0.09
CA THR A 230 -17.05 6.93 1.24
C THR A 230 -18.51 6.51 1.13
N ASN A 231 -19.38 7.49 0.84
CA ASN A 231 -20.80 7.23 0.69
C ASN A 231 -21.07 6.25 -0.46
N ASP A 232 -20.34 6.40 -1.57
CA ASP A 232 -20.57 5.52 -2.70
C ASP A 232 -20.19 4.09 -2.36
N LEU A 233 -19.05 3.93 -1.67
CA LEU A 233 -18.57 2.61 -1.33
C LEU A 233 -19.48 1.92 -0.32
N LYS A 234 -20.01 2.69 0.64
CA LYS A 234 -21.02 2.15 1.58
C LYS A 234 -22.30 1.67 0.89
N SER A 235 -22.63 2.27 -0.25
CA SER A 235 -23.75 1.84 -1.09
C SER A 235 -23.47 0.55 -1.87
N LYS A 236 -22.19 0.31 -2.21
CA LYS A 236 -21.78 -0.85 -3.02
C LYS A 236 -21.39 -2.07 -2.18
N LEU A 237 -21.08 -1.84 -0.91
CA LEU A 237 -20.56 -2.90 -0.04
C LEU A 237 -21.52 -3.11 1.12
N LYS A 238 -21.55 -4.31 1.68
CA LYS A 238 -22.46 -4.55 2.80
C LYS A 238 -22.11 -3.63 3.98
N THR A 239 -20.84 -3.65 4.38
CA THR A 239 -20.32 -2.83 5.47
C THR A 239 -18.90 -2.42 5.06
N TYR A 240 -18.60 -1.14 5.25
CA TYR A 240 -17.34 -0.59 4.77
C TYR A 240 -16.74 0.27 5.88
N LEU A 241 -15.57 -0.16 6.33
CA LEU A 241 -14.99 0.33 7.57
C LEU A 241 -13.60 0.94 7.34
N ASN A 242 -13.53 2.27 7.27
CA ASN A 242 -12.26 3.00 7.31
C ASN A 242 -11.70 2.98 8.75
N ILE A 243 -10.50 2.45 8.95
CA ILE A 243 -9.90 2.29 10.30
C ILE A 243 -8.49 2.86 10.43
N GLY A 244 -8.13 3.77 9.52
CA GLY A 244 -6.80 4.37 9.53
C GLY A 244 -6.80 5.90 9.58
N PRO A 245 -5.64 6.52 9.27
CA PRO A 245 -4.37 5.87 8.93
C PRO A 245 -3.67 5.20 10.12
N PHE A 246 -3.26 3.96 9.92
CA PHE A 246 -2.55 3.17 10.94
C PHE A 246 -1.33 3.89 11.53
N ASN A 247 -0.55 4.56 10.68
CA ASN A 247 0.69 5.19 11.15
C ASN A 247 0.49 6.37 12.11
N LEU A 248 -0.73 6.93 12.13
CA LEU A 248 -1.10 7.99 13.08
C LEU A 248 -1.63 7.44 14.40
N ILE A 249 -1.92 6.14 14.42
CA ILE A 249 -2.44 5.44 15.60
C ILE A 249 -1.28 4.83 16.36
N THR A 250 -0.34 4.24 15.62
CA THR A 250 0.74 3.43 16.16
C THR A 250 2.07 3.93 15.58
N GLY A 260 22.38 4.97 11.22
CA GLY A 260 23.18 5.77 10.30
C GLY A 260 22.43 7.00 9.82
N CYS A 261 21.27 6.78 9.21
CA CYS A 261 20.47 7.88 8.61
C CYS A 261 20.06 8.98 9.59
N LEU A 262 19.52 8.58 10.75
CA LEU A 262 18.99 9.56 11.70
C LEU A 262 20.08 10.41 12.34
N GLN A 263 21.23 9.78 12.61
CA GLN A 263 22.43 10.47 13.09
C GLN A 263 22.88 11.50 12.05
N TRP A 264 22.90 11.09 10.77
CA TRP A 264 23.31 11.95 9.66
C TRP A 264 22.40 13.16 9.50
N LEU A 265 21.09 12.90 9.52
CA LEU A 265 20.04 13.93 9.45
C LEU A 265 20.12 15.01 10.54
N LYS A 266 20.59 14.60 11.72
CA LYS A 266 20.76 15.49 12.87
C LYS A 266 21.52 16.77 12.54
N GLU A 267 22.50 16.68 11.63
CA GLU A 267 23.35 17.82 11.26
C GLU A 267 22.89 18.61 10.02
N ARG A 268 21.74 18.27 9.46
CA ARG A 268 21.26 18.95 8.25
C ARG A 268 20.29 20.08 8.62
N LYS A 269 20.22 21.12 7.78
CA LYS A 269 19.29 22.22 8.02
C LYS A 269 17.84 21.77 7.86
N PRO A 270 16.89 22.41 8.58
CA PRO A 270 15.48 22.08 8.41
C PRO A 270 15.00 22.16 6.95
N THR A 271 14.17 21.19 6.57
CA THR A 271 13.49 21.20 5.28
C THR A 271 14.43 21.30 4.08
N SER A 272 15.60 20.67 4.17
CA SER A 272 16.67 20.83 3.19
C SER A 272 17.00 19.54 2.40
N VAL A 273 16.58 18.39 2.92
CA VAL A 273 16.96 17.07 2.36
C VAL A 273 15.86 16.43 1.50
N VAL A 274 16.28 15.87 0.35
CA VAL A 274 15.38 15.09 -0.48
C VAL A 274 15.57 13.61 -0.15
N TYR A 275 14.47 12.95 0.23
CA TYR A 275 14.44 11.50 0.39
C TYR A 275 13.87 10.82 -0.87
N ILE A 276 14.52 9.73 -1.33
CA ILE A 276 14.09 9.04 -2.53
C ILE A 276 13.85 7.55 -2.23
N SER A 277 12.69 7.04 -2.62
CA SER A 277 12.44 5.59 -2.55
C SER A 277 11.30 5.16 -3.45
N PHE A 278 11.46 3.99 -4.08
CA PHE A 278 10.40 3.46 -4.95
C PHE A 278 9.68 2.20 -4.50
N GLY A 279 9.64 2.01 -3.20
CA GLY A 279 8.84 0.96 -2.58
C GLY A 279 9.63 -0.32 -2.38
N THR A 280 8.97 -1.44 -2.60
CA THR A 280 9.59 -2.74 -2.32
C THR A 280 9.82 -3.61 -3.55
N VAL A 281 9.16 -3.28 -4.65
CA VAL A 281 9.24 -4.14 -5.85
C VAL A 281 9.57 -3.38 -7.15
N THR A 282 9.99 -2.13 -7.01
CA THR A 282 10.39 -1.29 -8.15
C THR A 282 11.81 -0.72 -8.04
N THR A 283 12.47 -0.61 -9.20
CA THR A 283 13.62 0.27 -9.41
C THR A 283 13.30 0.99 -10.72
N PRO A 284 13.59 2.30 -10.81
CA PRO A 284 13.38 2.96 -12.09
C PRO A 284 14.30 2.37 -13.15
N PRO A 285 13.98 2.57 -14.44
CA PRO A 285 14.91 2.08 -15.46
C PRO A 285 16.29 2.76 -15.33
N PRO A 286 17.36 2.11 -15.83
CA PRO A 286 18.72 2.66 -15.66
C PRO A 286 18.88 4.12 -16.12
N ALA A 287 18.20 4.53 -17.19
CA ALA A 287 18.31 5.91 -17.67
C ALA A 287 17.70 6.90 -16.69
N GLU A 288 16.67 6.47 -15.97
CA GLU A 288 16.04 7.32 -14.97
C GLU A 288 16.90 7.37 -13.71
N VAL A 289 17.58 6.26 -13.41
CA VAL A 289 18.57 6.24 -12.34
C VAL A 289 19.70 7.27 -12.63
N VAL A 290 20.19 7.26 -13.87
CA VAL A 290 21.19 8.24 -14.29
C VAL A 290 20.60 9.64 -14.10
N ALA A 291 19.39 9.86 -14.63
CA ALA A 291 18.73 11.16 -14.58
C ALA A 291 18.61 11.72 -13.16
N LEU A 292 18.16 10.89 -12.22
CA LEU A 292 18.12 11.34 -10.82
C LEU A 292 19.49 11.69 -10.29
N SER A 293 20.48 10.84 -10.55
CA SER A 293 21.84 11.10 -10.09
CA SER A 293 21.84 11.08 -10.10
C SER A 293 22.36 12.45 -10.60
N GLU A 294 22.04 12.77 -11.84
CA GLU A 294 22.49 14.00 -12.48
C GLU A 294 21.84 15.22 -11.81
N ALA A 295 20.53 15.11 -11.55
CA ALA A 295 19.78 16.16 -10.85
C ALA A 295 20.31 16.40 -9.43
N LEU A 296 20.58 15.32 -8.70
CA LEU A 296 21.13 15.45 -7.34
C LEU A 296 22.48 16.15 -7.35
N GLU A 297 23.37 15.67 -8.20
CA GLU A 297 24.71 16.23 -8.29
C GLU A 297 24.71 17.69 -8.76
N ALA A 298 23.94 17.99 -9.81
CA ALA A 298 23.89 19.36 -10.39
C ALA A 298 23.32 20.39 -9.43
N SER A 299 22.30 20.00 -8.64
CA SER A 299 21.77 20.87 -7.59
C SER A 299 22.56 20.89 -6.28
N ARG A 300 23.40 19.87 -6.06
CA ARG A 300 24.09 19.64 -4.78
C ARG A 300 23.09 19.69 -3.62
N VAL A 301 21.92 19.11 -3.85
CA VAL A 301 20.90 19.06 -2.80
C VAL A 301 21.22 17.87 -1.85
N PRO A 302 21.20 18.11 -0.52
CA PRO A 302 21.39 16.97 0.40
C PRO A 302 20.30 15.90 0.17
N PHE A 303 20.69 14.62 0.25
CA PHE A 303 19.77 13.55 -0.15
C PHE A 303 20.03 12.25 0.61
N ILE A 304 18.96 11.49 0.81
CA ILE A 304 19.06 10.08 1.19
C ILE A 304 18.29 9.28 0.11
N TRP A 305 18.99 8.40 -0.59
CA TRP A 305 18.42 7.61 -1.64
C TRP A 305 18.40 6.14 -1.21
N SER A 306 17.19 5.61 -1.03
CA SER A 306 16.99 4.18 -0.81
C SER A 306 17.00 3.51 -2.17
N LEU A 307 18.07 2.75 -2.44
CA LEU A 307 18.26 2.12 -3.72
C LEU A 307 18.75 0.70 -3.51
N ARG A 308 18.13 -0.27 -4.20
CA ARG A 308 18.57 -1.67 -4.11
C ARG A 308 20.04 -1.79 -4.44
N ASP A 309 20.78 -2.50 -3.58
CA ASP A 309 22.23 -2.69 -3.79
C ASP A 309 22.54 -3.17 -5.20
N LYS A 310 21.77 -4.15 -5.70
CA LYS A 310 21.95 -4.66 -7.05
C LYS A 310 21.86 -3.57 -8.13
N ALA A 311 21.03 -2.55 -7.87
CA ALA A 311 20.84 -1.43 -8.82
C ALA A 311 21.95 -0.39 -8.80
N ARG A 312 22.85 -0.46 -7.82
CA ARG A 312 23.94 0.50 -7.72
C ARG A 312 24.83 0.44 -8.95
N VAL A 313 24.81 -0.72 -9.63
CA VAL A 313 25.59 -0.92 -10.87
C VAL A 313 25.24 0.11 -11.94
N HIS A 314 24.03 0.65 -11.85
CA HIS A 314 23.49 1.63 -12.81
C HIS A 314 23.84 3.11 -12.51
N LEU A 315 24.43 3.37 -11.35
CA LEU A 315 24.87 4.73 -11.02
C LEU A 315 26.06 5.11 -11.91
N PRO A 316 26.08 6.35 -12.46
CA PRO A 316 27.22 6.84 -13.25
C PRO A 316 28.53 6.75 -12.48
N GLU A 317 29.61 6.44 -13.18
CA GLU A 317 30.91 6.35 -12.52
C GLU A 317 31.23 7.71 -11.88
N GLY A 318 31.75 7.71 -10.66
CA GLY A 318 32.08 8.95 -9.96
C GLY A 318 30.96 9.60 -9.15
N PHE A 319 29.71 9.16 -9.35
CA PHE A 319 28.55 9.75 -8.63
C PHE A 319 28.68 9.64 -7.13
N LEU A 320 28.93 8.42 -6.65
CA LEU A 320 29.09 8.21 -5.22
C LEU A 320 30.22 9.08 -4.64
N GLU A 321 31.32 9.17 -5.36
CA GLU A 321 32.47 9.90 -4.88
C GLU A 321 32.22 11.42 -4.83
N LYS A 322 31.54 11.94 -5.84
CA LYS A 322 31.25 13.39 -5.90
C LYS A 322 30.16 13.83 -4.89
N THR A 323 29.29 12.90 -4.49
CA THR A 323 28.16 13.24 -3.61
C THR A 323 28.33 12.83 -2.15
N ARG A 324 29.46 12.18 -1.87
CA ARG A 324 29.80 11.66 -0.54
C ARG A 324 29.63 12.72 0.55
N GLY A 325 29.92 13.97 0.23
CA GLY A 325 29.83 15.05 1.20
C GLY A 325 28.43 15.49 1.58
N TYR A 326 27.41 15.11 0.82
CA TYR A 326 26.07 15.63 1.09
C TYR A 326 24.92 14.65 0.86
N GLY A 327 25.20 13.42 0.50
CA GLY A 327 24.15 12.46 0.21
C GLY A 327 24.55 11.05 0.60
N MET A 328 23.54 10.22 0.87
CA MET A 328 23.75 8.80 1.21
C MET A 328 22.95 7.98 0.21
N VAL A 329 23.53 6.85 -0.22
CA VAL A 329 22.80 5.88 -1.05
C VAL A 329 22.82 4.57 -0.23
N VAL A 330 21.62 4.12 0.19
CA VAL A 330 21.53 2.96 1.14
C VAL A 330 20.52 1.91 0.64
N PRO A 331 20.77 0.61 0.93
CA PRO A 331 19.83 -0.37 0.41
C PRO A 331 18.48 -0.36 1.16
N TRP A 332 18.45 0.18 2.37
CA TRP A 332 17.24 0.28 3.21
C TRP A 332 17.37 1.43 4.17
N ALA A 333 16.32 2.24 4.27
CA ALA A 333 16.31 3.37 5.19
C ALA A 333 15.23 3.17 6.25
N PRO A 334 15.39 3.77 7.43
CA PRO A 334 14.24 3.77 8.32
C PRO A 334 13.23 4.85 7.85
N GLN A 335 12.44 4.51 6.84
CA GLN A 335 11.69 5.52 6.06
C GLN A 335 10.71 6.37 6.86
N ALA A 336 9.87 5.75 7.69
CA ALA A 336 8.89 6.53 8.43
C ALA A 336 9.59 7.53 9.33
N GLU A 337 10.69 7.10 9.95
CA GLU A 337 11.46 8.00 10.82
C GLU A 337 12.17 9.10 10.01
N VAL A 338 12.67 8.75 8.83
CA VAL A 338 13.33 9.75 7.96
C VAL A 338 12.31 10.84 7.56
N LEU A 339 11.13 10.40 7.12
CA LEU A 339 10.06 11.35 6.71
C LEU A 339 9.55 12.24 7.85
N ALA A 340 9.61 11.73 9.08
CA ALA A 340 9.21 12.51 10.25
C ALA A 340 10.32 13.45 10.73
N HIS A 341 11.50 13.36 10.14
CA HIS A 341 12.64 14.18 10.59
C HIS A 341 12.52 15.59 10.00
N GLU A 342 12.74 16.60 10.86
CA GLU A 342 12.66 18.01 10.48
C GLU A 342 13.57 18.44 9.30
N ALA A 343 14.68 17.72 9.11
CA ALA A 343 15.62 18.04 8.01
C ALA A 343 15.07 17.69 6.61
N VAL A 344 14.07 16.83 6.53
CA VAL A 344 13.60 16.34 5.22
C VAL A 344 12.61 17.34 4.62
N GLY A 345 12.84 17.74 3.37
CA GLY A 345 11.91 18.71 2.74
C GLY A 345 11.10 18.23 1.54
N ALA A 346 11.48 17.08 0.98
CA ALA A 346 10.75 16.50 -0.14
C ALA A 346 10.98 14.99 -0.21
N PHE A 347 10.01 14.32 -0.86
CA PHE A 347 10.00 12.86 -1.00
C PHE A 347 9.73 12.48 -2.47
N VAL A 348 10.77 11.98 -3.13
CA VAL A 348 10.62 11.42 -4.50
C VAL A 348 10.15 9.96 -4.32
N THR A 349 8.96 9.69 -4.83
CA THR A 349 8.18 8.46 -4.48
C THR A 349 7.47 7.83 -5.69
N HIS A 350 7.28 6.51 -5.65
CA HIS A 350 6.40 5.81 -6.61
C HIS A 350 4.89 5.96 -6.29
N CYS A 351 4.57 6.65 -5.21
CA CYS A 351 3.18 6.89 -4.75
C CYS A 351 2.49 5.64 -4.22
N GLY A 352 3.22 4.73 -3.62
CA GLY A 352 2.59 3.60 -2.92
C GLY A 352 1.79 4.13 -1.75
N TRP A 353 0.70 3.44 -1.41
CA TRP A 353 -0.22 3.90 -0.37
C TRP A 353 0.46 4.10 0.99
N ASN A 354 1.29 3.15 1.44
CA ASN A 354 1.86 3.26 2.79
C ASN A 354 2.87 4.42 2.86
N SER A 355 3.72 4.53 1.84
CA SER A 355 4.66 5.65 1.74
C SER A 355 3.95 7.02 1.80
N LEU A 356 2.86 7.15 1.06
CA LEU A 356 2.10 8.41 1.03
C LEU A 356 1.71 8.82 2.44
N TRP A 357 1.12 7.91 3.21
CA TRP A 357 0.65 8.30 4.55
C TRP A 357 1.79 8.58 5.55
N GLU A 358 2.94 7.94 5.34
CA GLU A 358 4.14 8.27 6.12
C GLU A 358 4.64 9.69 5.79
N SER A 359 4.51 10.09 4.52
CA SER A 359 4.92 11.46 4.12
C SER A 359 3.97 12.51 4.70
N VAL A 360 2.67 12.20 4.66
CA VAL A 360 1.66 13.03 5.31
C VAL A 360 1.98 13.14 6.80
N ALA A 361 2.31 12.03 7.46
CA ALA A 361 2.66 12.09 8.89
C ALA A 361 3.81 13.05 9.12
N GLY A 362 4.79 13.02 8.24
CA GLY A 362 5.96 13.89 8.37
C GLY A 362 5.78 15.31 7.86
N GLY A 363 4.66 15.58 7.20
CA GLY A 363 4.44 16.88 6.55
C GLY A 363 5.38 17.18 5.36
N VAL A 364 5.74 16.15 4.60
CA VAL A 364 6.72 16.27 3.51
C VAL A 364 6.02 16.17 2.17
N PRO A 365 6.14 17.22 1.31
CA PRO A 365 5.60 17.20 -0.04
C PRO A 365 6.17 16.09 -0.93
N LEU A 366 5.30 15.54 -1.77
CA LEU A 366 5.70 14.45 -2.66
C LEU A 366 6.12 14.93 -4.04
N ILE A 367 7.11 14.23 -4.62
CA ILE A 367 7.43 14.30 -6.05
C ILE A 367 7.11 12.92 -6.65
N CYS A 368 6.04 12.85 -7.44
CA CYS A 368 5.44 11.57 -7.81
C CYS A 368 5.96 11.02 -9.13
N ARG A 369 6.33 9.75 -9.13
CA ARG A 369 6.77 9.03 -10.31
C ARG A 369 6.11 7.62 -10.26
N PRO A 370 4.78 7.54 -10.50
CA PRO A 370 4.09 6.25 -10.37
C PRO A 370 4.49 5.26 -11.47
N PHE A 371 4.48 3.96 -11.14
CA PHE A 371 4.82 2.90 -12.12
C PHE A 371 3.66 2.00 -12.51
N PHE A 372 2.90 1.49 -11.53
CA PHE A 372 1.99 0.38 -11.80
C PHE A 372 0.90 0.30 -10.76
N GLY A 373 -0.08 -0.56 -10.99
CA GLY A 373 -1.14 -0.77 -10.01
C GLY A 373 -1.91 0.50 -9.73
N ASP A 374 -2.04 0.83 -8.45
CA ASP A 374 -2.80 2.00 -7.96
C ASP A 374 -1.98 3.30 -7.91
N GLN A 375 -0.73 3.23 -8.32
CA GLN A 375 0.17 4.35 -8.07
C GLN A 375 -0.24 5.60 -8.88
N ARG A 376 -0.78 5.39 -10.08
CA ARG A 376 -1.24 6.53 -10.91
C ARG A 376 -2.47 7.21 -10.33
N LEU A 377 -3.40 6.43 -9.76
CA LEU A 377 -4.56 6.97 -9.03
C LEU A 377 -4.09 7.77 -7.82
N ASN A 378 -3.11 7.23 -7.10
CA ASN A 378 -2.56 7.89 -5.92
C ASN A 378 -1.85 9.20 -6.33
N GLY A 379 -1.07 9.15 -7.40
CA GLY A 379 -0.41 10.36 -7.95
C GLY A 379 -1.44 11.44 -8.32
N ARG A 380 -2.52 11.04 -8.97
CA ARG A 380 -3.63 11.96 -9.30
C ARG A 380 -4.24 12.61 -8.04
N MET A 381 -4.52 11.78 -7.03
CA MET A 381 -4.99 12.26 -5.74
C MET A 381 -4.04 13.28 -5.12
N VAL A 382 -2.75 12.94 -5.06
CA VAL A 382 -1.73 13.79 -4.48
C VAL A 382 -1.61 15.16 -5.20
N GLU A 383 -1.57 15.13 -6.52
CA GLU A 383 -1.28 16.33 -7.33
C GLU A 383 -2.52 17.22 -7.52
N ASP A 384 -3.64 16.61 -7.88
CA ASP A 384 -4.81 17.35 -8.37
C ASP A 384 -5.97 17.46 -7.35
N VAL A 385 -5.99 16.56 -6.37
CA VAL A 385 -7.11 16.51 -5.42
C VAL A 385 -6.67 17.12 -4.09
N LEU A 386 -5.67 16.53 -3.45
CA LEU A 386 -5.21 17.01 -2.15
C LEU A 386 -4.22 18.16 -2.27
N GLU A 387 -3.54 18.23 -3.41
CA GLU A 387 -2.49 19.21 -3.66
C GLU A 387 -1.39 19.18 -2.59
N ILE A 388 -0.82 18.00 -2.39
CA ILE A 388 0.22 17.79 -1.38
C ILE A 388 1.50 17.38 -2.05
N GLY A 389 1.51 17.37 -3.38
CA GLY A 389 2.71 17.07 -4.14
C GLY A 389 2.61 17.52 -5.58
N VAL A 390 3.69 17.30 -6.33
CA VAL A 390 3.78 17.68 -7.73
C VAL A 390 4.10 16.49 -8.62
N ARG A 391 3.80 16.71 -9.91
CA ARG A 391 4.06 15.78 -10.99
C ARG A 391 5.43 16.06 -11.55
N ILE A 392 6.04 15.02 -12.08
CA ILE A 392 7.23 15.15 -12.88
C ILE A 392 6.76 15.29 -14.33
N GLU A 393 7.24 16.32 -15.02
CA GLU A 393 6.97 16.53 -16.45
C GLU A 393 7.15 15.26 -17.28
N GLY A 394 6.08 14.73 -17.85
CA GLY A 394 6.18 13.56 -18.73
C GLY A 394 6.17 12.21 -18.02
N GLY A 395 6.08 12.24 -16.69
CA GLY A 395 5.94 11.01 -15.91
C GLY A 395 7.20 10.17 -15.80
N VAL A 396 8.31 10.70 -16.35
CA VAL A 396 9.62 10.06 -16.24
C VAL A 396 10.66 11.04 -15.70
N PHE A 397 11.64 10.52 -14.97
CA PHE A 397 12.76 11.31 -14.48
C PHE A 397 13.63 11.85 -15.60
N THR A 398 13.83 13.17 -15.56
CA THR A 398 14.86 13.86 -16.32
C THR A 398 15.60 14.78 -15.36
N LYS A 399 16.84 15.12 -15.72
CA LYS A 399 17.65 16.00 -14.91
C LYS A 399 16.97 17.37 -14.70
N SER A 400 16.51 18.00 -15.78
CA SER A 400 15.90 19.32 -15.62
C SER A 400 14.55 19.30 -14.87
N GLY A 401 13.70 18.32 -15.16
CA GLY A 401 12.39 18.20 -14.51
C GLY A 401 12.56 18.02 -13.00
N LEU A 402 13.52 17.18 -12.60
CA LEU A 402 13.74 16.92 -11.18
C LEU A 402 14.32 18.13 -10.48
N MET A 403 15.31 18.78 -11.09
CA MET A 403 15.81 20.04 -10.56
C MET A 403 14.74 21.13 -10.35
N SER A 404 13.78 21.22 -11.28
CA SER A 404 12.67 22.13 -11.12
C SER A 404 11.79 21.76 -9.92
N CYS A 405 11.46 20.47 -9.79
CA CYS A 405 10.65 20.00 -8.66
C CYS A 405 11.31 20.28 -7.31
N PHE A 406 12.61 19.99 -7.19
CA PHE A 406 13.38 20.29 -5.96
C PHE A 406 13.31 21.80 -5.62
N ASP A 407 13.50 22.65 -6.62
CA ASP A 407 13.42 24.12 -6.40
C ASP A 407 12.02 24.57 -5.95
N GLN A 408 10.99 24.15 -6.69
CA GLN A 408 9.58 24.43 -6.37
C GLN A 408 9.27 24.15 -4.90
N ILE A 409 9.66 22.96 -4.45
CA ILE A 409 9.35 22.49 -3.10
C ILE A 409 10.26 23.07 -2.00
N LEU A 410 11.57 23.07 -2.23
CA LEU A 410 12.50 23.44 -1.17
C LEU A 410 12.72 24.94 -1.04
N SER A 411 12.53 25.68 -2.13
CA SER A 411 12.95 27.10 -2.15
C SER A 411 11.87 28.12 -2.54
N GLN A 412 10.76 27.65 -3.11
CA GLN A 412 9.74 28.54 -3.68
C GLN A 412 8.41 28.48 -2.95
N GLU A 413 7.53 29.40 -3.33
CA GLU A 413 6.22 29.54 -2.69
C GLU A 413 5.38 28.26 -2.77
N LYS A 414 5.46 27.56 -3.90
CA LYS A 414 4.76 26.31 -4.11
C LYS A 414 4.94 25.35 -2.92
N GLY A 415 6.17 25.23 -2.43
CA GLY A 415 6.47 24.30 -1.31
C GLY A 415 5.79 24.73 -0.03
N LYS A 416 5.73 26.04 0.22
CA LYS A 416 5.01 26.56 1.40
C LYS A 416 3.54 26.18 1.35
N LYS A 417 2.93 26.29 0.17
CA LYS A 417 1.51 25.92 0.02
C LYS A 417 1.28 24.43 0.25
N LEU A 418 2.15 23.60 -0.33
CA LEU A 418 2.05 22.14 -0.18
C LEU A 418 2.18 21.76 1.30
N ARG A 419 3.14 22.38 1.99
CA ARG A 419 3.30 22.16 3.45
C ARG A 419 2.05 22.56 4.24
N GLU A 420 1.43 23.67 3.86
CA GLU A 420 0.16 24.07 4.48
C GLU A 420 -0.95 23.07 4.24
N ASN A 421 -1.10 22.60 3.00
CA ASN A 421 -2.11 21.57 2.70
C ASN A 421 -1.87 20.29 3.50
N LEU A 422 -0.60 19.92 3.65
CA LEU A 422 -0.24 18.71 4.40
C LEU A 422 -0.61 18.80 5.87
N ARG A 423 -0.38 19.99 6.46
CA ARG A 423 -0.76 20.24 7.86
C ARG A 423 -2.25 20.04 8.10
N ALA A 424 -3.07 20.63 7.23
CA ALA A 424 -4.52 20.54 7.29
C ALA A 424 -5.02 19.11 7.09
N LEU A 425 -4.41 18.41 6.14
CA LEU A 425 -4.80 17.04 5.85
C LEU A 425 -4.51 16.16 7.06
N ARG A 426 -3.34 16.34 7.66
CA ARG A 426 -2.89 15.54 8.79
CA ARG A 426 -2.91 15.54 8.80
C ARG A 426 -3.79 15.78 10.03
N GLU A 427 -4.18 17.04 10.24
CA GLU A 427 -5.11 17.36 11.34
C GLU A 427 -6.45 16.59 11.17
N THR A 428 -7.00 16.62 9.96
CA THR A 428 -8.27 15.87 9.69
C THR A 428 -8.11 14.37 10.00
N ALA A 429 -7.02 13.80 9.47
CA ALA A 429 -6.67 12.40 9.67
C ALA A 429 -6.51 12.08 11.15
N ASP A 430 -5.80 12.95 11.89
CA ASP A 430 -5.63 12.82 13.34
C ASP A 430 -6.98 12.73 14.07
N ARG A 431 -7.90 13.62 13.72
CA ARG A 431 -9.23 13.62 14.35
C ARG A 431 -10.03 12.37 14.03
N ALA A 432 -9.87 11.82 12.83
CA ALA A 432 -10.54 10.55 12.49
C ALA A 432 -10.11 9.40 13.41
N VAL A 433 -8.86 9.45 13.89
CA VAL A 433 -8.33 8.38 14.76
C VAL A 433 -8.26 8.74 16.24
N GLY A 434 -8.79 9.90 16.61
CA GLY A 434 -8.81 10.28 18.02
C GLY A 434 -10.07 9.76 18.71
N PRO A 435 -10.31 10.23 19.94
CA PRO A 435 -11.52 9.79 20.62
C PRO A 435 -12.71 10.30 19.83
N LYS A 436 -13.74 9.49 19.68
CA LYS A 436 -14.93 9.90 18.92
C LYS A 436 -14.69 10.06 17.39
N GLY A 437 -13.48 9.79 16.91
CA GLY A 437 -13.19 9.85 15.46
C GLY A 437 -13.93 8.77 14.69
N SER A 438 -14.18 9.03 13.41
CA SER A 438 -14.82 8.04 12.53
C SER A 438 -14.09 6.69 12.45
N SER A 439 -12.75 6.71 12.34
CA SER A 439 -11.95 5.45 12.31
C SER A 439 -11.96 4.68 13.63
N THR A 440 -11.90 5.43 14.73
CA THR A 440 -12.08 4.87 16.07
C THR A 440 -13.41 4.09 16.20
N GLU A 441 -14.52 4.70 15.76
CA GLU A 441 -15.85 4.07 15.86
C GLU A 441 -15.94 2.86 14.93
N ASN A 442 -15.40 3.01 13.71
CA ASN A 442 -15.33 1.89 12.74
C ASN A 442 -14.51 0.70 13.26
N PHE A 443 -13.43 0.98 13.99
CA PHE A 443 -12.59 -0.09 14.53
C PHE A 443 -13.33 -0.88 15.61
N ILE A 444 -14.10 -0.18 16.43
CA ILE A 444 -14.97 -0.86 17.42
C ILE A 444 -15.91 -1.84 16.72
N THR A 445 -16.52 -1.37 15.63
CA THR A 445 -17.38 -2.21 14.80
C THR A 445 -16.62 -3.45 14.30
N LEU A 446 -15.40 -3.27 13.80
CA LEU A 446 -14.61 -4.41 13.32
C LEU A 446 -14.25 -5.38 14.46
N VAL A 447 -13.84 -4.83 15.61
CA VAL A 447 -13.61 -5.65 16.81
C VAL A 447 -14.84 -6.51 17.14
N ASP A 448 -16.03 -5.90 17.06
CA ASP A 448 -17.27 -6.61 17.34
C ASP A 448 -17.46 -7.76 16.36
N LEU A 449 -17.18 -7.50 15.08
CA LEU A 449 -17.27 -8.54 14.06
C LEU A 449 -16.29 -9.71 14.26
N VAL A 450 -15.02 -9.42 14.58
CA VAL A 450 -14.03 -10.50 14.81
C VAL A 450 -14.22 -11.22 16.15
N SER A 451 -14.98 -10.61 17.06
CA SER A 451 -15.24 -11.16 18.40
C SER A 451 -16.39 -12.17 18.44
N LYS A 452 -17.25 -12.13 17.43
CA LYS A 452 -18.38 -13.06 17.35
C LYS A 452 -17.91 -14.51 17.24
N PRO A 453 -18.41 -15.41 18.09
CA PRO A 453 -17.99 -16.78 17.84
C PRO A 453 -18.72 -17.33 16.62
N LYS A 454 -18.31 -18.50 16.16
CA LYS A 454 -18.92 -19.14 15.00
C LYS A 454 -20.41 -19.44 15.21
N ASP A 455 -21.20 -19.29 14.14
CA ASP A 455 -22.62 -19.67 14.15
C ASP A 455 -22.81 -21.13 14.59
#